data_4IY5
#
_entry.id   4IY5
#
_cell.length_a   99.080
_cell.length_b   121.690
_cell.length_c   47.300
_cell.angle_alpha   90.00
_cell.angle_beta   90.00
_cell.angle_gamma   90.00
#
_symmetry.space_group_name_H-M   'P 21 21 2'
#
loop_
_entity.id
_entity.type
_entity.pdbx_description
1 polymer 'Glutamate receptor 2'
2 non-polymer 'GLUTAMIC ACID'
3 non-polymer 'SULFATE ION'
4 non-polymer GLYCEROL
5 non-polymer 'CHLORIDE ION'
6 non-polymer piperidin-1-yl(quinoxalin-6-yl)methanone
7 water water
#
_entity_poly.entity_id   1
_entity_poly.type   'polypeptide(L)'
_entity_poly.pdbx_seq_one_letter_code
;GANKTVVVTTILESPYVMMKKNHEMLEGNERYEGYCVDLAAEIAKHCGFKYKLTIVGDGKYGARDADTKIWNGMVGELVY
GKADIAIAPLTITYVREEVIDFSKPFMSLGISIMIKKGTPIESAEDLSKQTEIAYGTLDSGSTKEFFRRSKIAVFDKMWT
YMRSAEPSVFVRTTAEGVARVRKSKGKYAYLLESTMNEYIEQRKPCDTMKVGGNLDSKGYGIATPKGSSLGNAVNLAVLK
LSEQGLLDKLKNKWWYDKGECGS
;
_entity_poly.pdbx_strand_id   A,B
#
loop_
_chem_comp.id
_chem_comp.type
_chem_comp.name
_chem_comp.formula
CL non-polymer 'CHLORIDE ION' 'Cl -1'
CX5 non-polymer piperidin-1-yl(quinoxalin-6-yl)methanone 'C14 H15 N3 O'
GOL non-polymer GLYCEROL 'C3 H8 O3'
SO4 non-polymer 'SULFATE ION' 'O4 S -2'
#
# COMPACT_ATOMS: atom_id res chain seq x y z
N GLY A 1 30.81 5.51 16.53
CA GLY A 1 31.84 6.40 16.02
C GLY A 1 31.25 7.71 15.54
N ALA A 2 32.11 8.56 14.99
CA ALA A 2 31.67 9.83 14.43
C ALA A 2 30.71 9.60 13.27
N ASN A 3 29.87 10.59 12.99
CA ASN A 3 28.95 10.49 11.86
C ASN A 3 29.71 10.28 10.55
N LYS A 4 29.22 9.37 9.72
CA LYS A 4 29.79 9.15 8.39
C LYS A 4 28.74 9.50 7.34
N THR A 5 29.20 9.90 6.15
CA THR A 5 28.28 10.12 5.03
C THR A 5 27.61 8.80 4.67
N VAL A 6 26.28 8.82 4.57
CA VAL A 6 25.50 7.64 4.23
C VAL A 6 25.50 7.41 2.71
N VAL A 7 25.90 6.22 2.28
CA VAL A 7 25.94 5.89 0.86
C VAL A 7 24.58 5.38 0.40
N VAL A 8 23.93 6.13 -0.48
CA VAL A 8 22.59 5.76 -0.95
C VAL A 8 22.70 5.13 -2.33
N THR A 9 22.30 3.88 -2.46
CA THR A 9 22.19 3.31 -3.81
C THR A 9 20.83 3.63 -4.40
N THR A 10 20.82 4.01 -5.67
CA THR A 10 19.56 4.28 -6.36
C THR A 10 19.74 3.91 -7.82
N ILE A 11 18.73 4.18 -8.64
CA ILE A 11 18.76 3.74 -10.02
C ILE A 11 18.26 4.85 -10.93
N LEU A 12 18.86 4.99 -12.11
CA LEU A 12 18.41 5.99 -13.08
C LEU A 12 17.13 5.50 -13.73
N GLU A 13 16.01 5.87 -13.12
CA GLU A 13 14.70 5.47 -13.58
C GLU A 13 13.78 6.69 -13.47
N SER A 14 13.28 7.18 -14.60
CA SER A 14 12.39 8.35 -14.58
C SER A 14 11.01 7.99 -14.04
N PRO A 15 10.40 8.90 -13.24
CA PRO A 15 10.93 10.20 -12.82
C PRO A 15 11.56 10.15 -11.43
N TYR A 16 11.95 8.96 -10.96
CA TYR A 16 12.52 8.83 -9.62
C TYR A 16 13.90 9.49 -9.49
N VAL A 17 14.78 9.16 -10.43
CA VAL A 17 16.11 9.75 -10.49
C VAL A 17 16.42 10.01 -11.96
N MET A 18 16.78 11.25 -12.28
CA MET A 18 17.06 11.64 -13.66
C MET A 18 18.24 12.59 -13.66
N MET A 19 18.97 12.62 -14.75
CA MET A 19 20.09 13.55 -14.88
C MET A 19 19.55 14.97 -15.06
N LYS A 20 20.04 15.91 -14.27
CA LYS A 20 19.68 17.31 -14.44
C LYS A 20 20.23 17.84 -15.78
N LYS A 21 19.58 18.88 -16.30
CA LYS A 21 19.99 19.49 -17.57
C LYS A 21 21.49 19.82 -17.67
N ASN A 22 22.01 20.52 -16.66
CA ASN A 22 23.42 20.92 -16.64
C ASN A 22 24.32 19.95 -15.90
N HIS A 23 23.93 18.68 -15.84
CA HIS A 23 24.70 17.67 -15.09
C HIS A 23 26.19 17.64 -15.45
N GLU A 24 26.53 18.02 -16.69
CA GLU A 24 27.91 17.86 -17.18
C GLU A 24 28.90 18.78 -16.48
N MET A 25 28.40 19.78 -15.77
CA MET A 25 29.26 20.67 -15.01
C MET A 25 28.83 20.73 -13.54
N LEU A 26 28.14 19.67 -13.11
CA LEU A 26 27.66 19.57 -11.74
C LEU A 26 28.31 18.35 -11.08
N GLU A 27 28.40 18.35 -9.77
CA GLU A 27 29.04 17.24 -9.07
C GLU A 27 28.19 16.72 -7.91
N GLY A 28 28.44 15.49 -7.48
CA GLY A 28 27.75 14.94 -6.33
C GLY A 28 26.25 14.88 -6.52
N ASN A 29 25.50 15.14 -5.44
CA ASN A 29 24.05 14.98 -5.48
C ASN A 29 23.37 15.95 -6.45
N GLU A 30 24.07 17.03 -6.77
CA GLU A 30 23.50 18.06 -7.64
C GLU A 30 23.28 17.63 -9.08
N ARG A 31 23.87 16.49 -9.47
CA ARG A 31 23.74 16.00 -10.84
C ARG A 31 22.34 15.48 -11.14
N TYR A 32 21.58 15.19 -10.08
CA TYR A 32 20.32 14.44 -10.20
C TYR A 32 19.10 15.22 -9.72
N GLU A 33 17.93 14.88 -10.27
CA GLU A 33 16.66 15.41 -9.78
C GLU A 33 15.62 14.31 -9.89
N GLY A 34 14.51 14.46 -9.16
CA GLY A 34 13.44 13.49 -9.28
C GLY A 34 12.76 13.15 -7.97
N TYR A 35 11.74 12.31 -8.07
CA TYR A 35 10.97 11.93 -6.89
C TYR A 35 11.86 11.37 -5.79
N CYS A 36 12.72 10.41 -6.13
CA CYS A 36 13.54 9.77 -5.09
C CYS A 36 14.69 10.68 -4.62
N VAL A 37 15.09 11.61 -5.47
CA VAL A 37 16.07 12.62 -5.07
C VAL A 37 15.45 13.53 -4.00
N ASP A 38 14.24 14.01 -4.25
CA ASP A 38 13.51 14.80 -3.26
C ASP A 38 13.25 13.99 -1.99
N LEU A 39 12.84 12.73 -2.15
CA LEU A 39 12.55 11.87 -1.01
C LEU A 39 13.79 11.62 -0.16
N ALA A 40 14.92 11.38 -0.81
CA ALA A 40 16.18 11.18 -0.10
C ALA A 40 16.50 12.40 0.77
N ALA A 41 16.30 13.59 0.22
CA ALA A 41 16.59 14.81 0.95
C ALA A 41 15.68 14.93 2.18
N GLU A 42 14.40 14.62 2.00
CA GLU A 42 13.45 14.66 3.12
C GLU A 42 13.78 13.64 4.21
N ILE A 43 14.09 12.41 3.82
CA ILE A 43 14.48 11.37 4.78
CA ILE A 43 14.45 11.40 4.82
C ILE A 43 15.73 11.78 5.57
N ALA A 44 16.73 12.26 4.82
CA ALA A 44 17.98 12.69 5.44
C ALA A 44 17.78 13.84 6.42
N LYS A 45 16.91 14.77 6.04
CA LYS A 45 16.61 15.92 6.91
C LYS A 45 16.01 15.41 8.21
N HIS A 46 14.96 14.60 8.10
CA HIS A 46 14.28 14.06 9.27
C HIS A 46 15.15 13.14 10.12
N CYS A 47 16.07 12.42 9.50
CA CYS A 47 16.90 11.48 10.27
C CYS A 47 18.22 12.10 10.69
N GLY A 48 18.53 13.28 10.16
CA GLY A 48 19.74 13.98 10.51
C GLY A 48 21.04 13.34 10.03
N PHE A 49 21.08 12.93 8.76
CA PHE A 49 22.32 12.40 8.21
C PHE A 49 22.72 13.07 6.89
N LYS A 50 24.00 13.05 6.58
CA LYS A 50 24.50 13.51 5.28
C LYS A 50 24.60 12.28 4.39
N TYR A 51 24.47 12.46 3.08
CA TYR A 51 24.40 11.30 2.20
C TYR A 51 25.01 11.56 0.84
N LYS A 52 25.35 10.47 0.14
CA LYS A 52 25.88 10.53 -1.21
C LYS A 52 25.06 9.61 -2.11
N LEU A 53 24.37 10.18 -3.09
CA LEU A 53 23.63 9.37 -4.04
C LEU A 53 24.58 8.70 -5.02
N THR A 54 24.42 7.39 -5.21
CA THR A 54 25.29 6.61 -6.08
C THR A 54 24.42 5.74 -6.98
N ILE A 55 24.54 5.90 -8.28
CA ILE A 55 23.76 5.06 -9.19
C ILE A 55 24.29 3.64 -9.18
N VAL A 56 23.41 2.67 -8.97
CA VAL A 56 23.82 1.26 -8.94
C VAL A 56 24.60 0.90 -10.19
N GLY A 57 25.76 0.27 -10.01
CA GLY A 57 26.68 0.01 -11.13
C GLY A 57 26.14 -0.84 -12.26
N ASP A 58 25.39 -1.90 -11.94
CA ASP A 58 24.87 -2.76 -12.99
C ASP A 58 23.51 -2.32 -13.52
N GLY A 59 22.95 -1.26 -12.94
CA GLY A 59 21.70 -0.69 -13.45
C GLY A 59 20.48 -1.54 -13.19
N LYS A 60 20.59 -2.46 -12.21
CA LYS A 60 19.52 -3.40 -11.94
CA LYS A 60 19.51 -3.40 -11.94
C LYS A 60 18.86 -3.19 -10.58
N TYR A 61 17.63 -3.67 -10.45
CA TYR A 61 16.92 -3.61 -9.19
C TYR A 61 17.43 -4.68 -8.23
N GLY A 62 17.42 -5.95 -8.65
CA GLY A 62 18.02 -6.98 -7.82
C GLY A 62 17.33 -8.34 -7.91
N ALA A 63 18.10 -9.33 -8.33
CA ALA A 63 17.63 -10.71 -8.35
C ALA A 63 18.77 -11.57 -7.82
N ARG A 64 18.42 -12.74 -7.30
CA ARG A 64 19.42 -13.69 -6.84
C ARG A 64 19.64 -14.72 -7.94
N ASP A 65 20.89 -14.92 -8.34
CA ASP A 65 21.21 -15.96 -9.32
C ASP A 65 20.86 -17.35 -8.78
N ALA A 66 20.16 -18.15 -9.58
CA ALA A 66 19.68 -19.45 -9.10
C ALA A 66 20.80 -20.44 -8.77
N ASP A 67 21.95 -20.27 -9.41
CA ASP A 67 23.06 -21.21 -9.23
C ASP A 67 24.13 -20.73 -8.25
N THR A 68 24.55 -19.47 -8.38
CA THR A 68 25.60 -18.93 -7.52
C THR A 68 25.03 -18.37 -6.23
N LYS A 69 23.72 -18.13 -6.20
CA LYS A 69 23.02 -17.51 -5.08
C LYS A 69 23.50 -16.09 -4.79
N ILE A 70 24.16 -15.47 -5.76
CA ILE A 70 24.62 -14.09 -5.61
C ILE A 70 23.53 -13.07 -6.02
N TRP A 71 23.36 -12.04 -5.19
CA TRP A 71 22.40 -10.97 -5.47
C TRP A 71 23.04 -9.90 -6.32
N ASN A 72 22.33 -9.43 -7.34
CA ASN A 72 22.82 -8.30 -8.12
C ASN A 72 22.03 -7.04 -7.80
N GLY A 73 22.27 -5.98 -8.56
CA GLY A 73 21.45 -4.78 -8.47
C GLY A 73 21.56 -4.03 -7.15
N MET A 74 20.55 -3.22 -6.85
CA MET A 74 20.55 -2.45 -5.60
C MET A 74 20.49 -3.38 -4.39
N VAL A 75 19.76 -4.49 -4.49
CA VAL A 75 19.73 -5.45 -3.38
C VAL A 75 21.13 -5.96 -3.06
N GLY A 76 21.88 -6.31 -4.12
CA GLY A 76 23.25 -6.74 -3.97
C GLY A 76 24.12 -5.71 -3.26
N GLU A 77 23.98 -4.44 -3.65
CA GLU A 77 24.74 -3.37 -3.00
CA GLU A 77 24.74 -3.37 -3.00
C GLU A 77 24.54 -3.37 -1.48
N LEU A 78 23.30 -3.60 -1.06
CA LEU A 78 22.99 -3.62 0.38
C LEU A 78 23.51 -4.90 1.01
N VAL A 79 23.23 -6.03 0.37
CA VAL A 79 23.61 -7.33 0.93
C VAL A 79 25.12 -7.43 1.12
N TYR A 80 25.88 -6.92 0.15
CA TYR A 80 27.33 -7.05 0.21
C TYR A 80 28.08 -5.87 0.84
N GLY A 81 27.32 -4.92 1.40
CA GLY A 81 27.92 -3.84 2.17
C GLY A 81 28.47 -2.69 1.34
N LYS A 82 28.05 -2.57 0.09
CA LYS A 82 28.52 -1.51 -0.79
C LYS A 82 27.74 -0.20 -0.60
N ALA A 83 26.55 -0.30 0.01
CA ALA A 83 25.72 0.88 0.25
C ALA A 83 24.99 0.74 1.58
N ASP A 84 24.59 1.87 2.16
CA ASP A 84 23.98 1.88 3.48
C ASP A 84 22.45 1.89 3.45
N ILE A 85 21.91 2.29 2.30
CA ILE A 85 20.46 2.44 2.16
C ILE A 85 20.14 2.52 0.68
N ALA A 86 18.97 2.01 0.31
CA ALA A 86 18.50 2.13 -1.08
C ALA A 86 17.27 3.03 -1.07
N ILE A 87 17.28 4.06 -1.89
CA ILE A 87 16.13 4.96 -2.01
C ILE A 87 15.76 5.00 -3.48
N ALA A 88 14.74 4.22 -3.84
CA ALA A 88 14.45 3.94 -5.23
C ALA A 88 13.10 3.26 -5.29
N PRO A 89 12.53 3.11 -6.51
CA PRO A 89 11.26 2.37 -6.62
C PRO A 89 11.54 0.88 -6.48
N LEU A 90 11.90 0.46 -5.26
CA LEU A 90 12.27 -0.92 -4.98
C LEU A 90 11.11 -1.65 -4.33
N THR A 91 10.59 -2.66 -5.04
CA THR A 91 9.43 -3.42 -4.56
C THR A 91 9.70 -4.30 -3.35
N ILE A 92 8.84 -4.20 -2.34
CA ILE A 92 8.92 -5.06 -1.17
C ILE A 92 8.40 -6.44 -1.56
N THR A 93 9.28 -7.45 -1.50
CA THR A 93 8.91 -8.82 -1.87
C THR A 93 9.39 -9.76 -0.79
N TYR A 94 8.84 -10.98 -0.78
CA TYR A 94 9.19 -11.98 0.22
C TYR A 94 10.68 -12.34 0.20
N VAL A 95 11.21 -12.66 -0.98
CA VAL A 95 12.59 -13.12 -1.05
C VAL A 95 13.56 -12.02 -0.64
N ARG A 96 13.25 -10.77 -0.97
CA ARG A 96 14.12 -9.65 -0.56
C ARG A 96 13.99 -9.37 0.93
N GLU A 97 12.78 -9.44 1.46
CA GLU A 97 12.55 -9.21 2.90
C GLU A 97 13.37 -10.20 3.74
N GLU A 98 13.58 -11.40 3.21
CA GLU A 98 14.45 -12.38 3.89
C GLU A 98 15.91 -11.94 4.02
N VAL A 99 16.40 -11.06 3.13
CA VAL A 99 17.82 -10.69 3.17
C VAL A 99 18.14 -9.22 3.46
N ILE A 100 17.15 -8.34 3.35
CA ILE A 100 17.34 -6.92 3.69
C ILE A 100 16.11 -6.41 4.48
N ASP A 101 16.25 -5.25 5.14
CA ASP A 101 15.13 -4.62 5.82
C ASP A 101 14.44 -3.62 4.88
N PHE A 102 13.13 -3.45 5.06
CA PHE A 102 12.36 -2.47 4.30
C PHE A 102 11.54 -1.62 5.25
N SER A 103 11.42 -0.34 4.94
CA SER A 103 10.46 0.53 5.61
C SER A 103 9.06 0.12 5.22
N LYS A 104 8.06 0.67 5.89
CA LYS A 104 6.70 0.56 5.38
C LYS A 104 6.66 1.26 4.01
N PRO A 105 5.71 0.86 3.14
CA PRO A 105 5.71 1.38 1.77
C PRO A 105 5.58 2.90 1.69
N PHE A 106 6.30 3.53 0.76
CA PHE A 106 6.08 4.95 0.51
C PHE A 106 5.23 5.20 -0.74
N MET A 107 4.95 4.15 -1.50
CA MET A 107 4.19 4.28 -2.73
C MET A 107 3.55 2.95 -3.07
N SER A 108 2.31 2.98 -3.57
CA SER A 108 1.61 1.75 -3.92
C SER A 108 1.66 1.52 -5.42
N LEU A 109 1.66 0.26 -5.84
CA LEU A 109 1.67 -0.04 -7.28
C LEU A 109 1.15 -1.43 -7.56
N GLY A 110 0.90 -1.70 -8.84
CA GLY A 110 0.62 -3.05 -9.29
C GLY A 110 1.20 -3.24 -10.69
N ILE A 111 1.49 -4.48 -11.06
CA ILE A 111 1.93 -4.78 -12.41
C ILE A 111 0.78 -4.45 -13.35
N SER A 112 1.12 -3.86 -14.50
CA SER A 112 0.09 -3.36 -15.42
C SER A 112 0.57 -3.56 -16.84
N ILE A 113 -0.29 -3.25 -17.80
CA ILE A 113 0.03 -3.47 -19.20
C ILE A 113 0.14 -2.15 -19.92
N MET A 114 1.27 -1.91 -20.59
CA MET A 114 1.43 -0.75 -21.46
C MET A 114 1.27 -1.17 -22.92
N ILE A 115 0.37 -0.49 -23.63
CA ILE A 115 0.22 -0.69 -25.07
C ILE A 115 0.45 0.59 -25.85
N LYS A 116 0.81 0.42 -27.13
CA LYS A 116 0.74 1.50 -28.10
C LYS A 116 -0.76 1.78 -28.28
N LYS A 117 -1.14 3.06 -28.26
CA LYS A 117 -2.54 3.42 -28.43
C LYS A 117 -3.17 2.72 -29.64
N GLY A 118 -4.35 2.13 -29.42
CA GLY A 118 -5.08 1.47 -30.49
C GLY A 118 -4.85 -0.04 -30.57
N THR A 119 -3.90 -0.54 -29.79
CA THR A 119 -3.64 -1.97 -29.74
C THR A 119 -4.89 -2.70 -29.22
N PRO A 120 -5.35 -3.73 -29.94
CA PRO A 120 -6.56 -4.45 -29.55
C PRO A 120 -6.32 -5.40 -28.37
N ILE A 121 -5.95 -4.83 -27.22
CA ILE A 121 -5.71 -5.62 -26.01
C ILE A 121 -6.31 -4.86 -24.83
N GLU A 122 -7.09 -5.55 -24.01
CA GLU A 122 -7.74 -4.92 -22.86
C GLU A 122 -7.29 -5.48 -21.52
N SER A 123 -6.60 -6.62 -21.54
CA SER A 123 -6.35 -7.35 -20.30
C SER A 123 -5.25 -8.37 -20.45
N ALA A 124 -4.75 -8.87 -19.33
CA ALA A 124 -3.78 -9.97 -19.33
C ALA A 124 -4.36 -11.19 -20.03
N GLU A 125 -5.62 -11.49 -19.73
CA GLU A 125 -6.27 -12.63 -20.39
C GLU A 125 -6.20 -12.48 -21.91
N ASP A 126 -6.47 -11.27 -22.42
CA ASP A 126 -6.37 -11.00 -23.87
C ASP A 126 -4.98 -11.33 -24.42
N LEU A 127 -3.94 -10.85 -23.74
CA LEU A 127 -2.57 -11.12 -24.19
C LEU A 127 -2.33 -12.62 -24.26
N SER A 128 -2.79 -13.34 -23.24
CA SER A 128 -2.48 -14.77 -23.12
C SER A 128 -3.14 -15.62 -24.21
N LYS A 129 -4.21 -15.10 -24.81
CA LYS A 129 -5.00 -15.90 -25.73
C LYS A 129 -4.69 -15.60 -27.20
N GLN A 130 -3.64 -14.83 -27.45
CA GLN A 130 -3.28 -14.48 -28.83
C GLN A 130 -1.77 -14.61 -29.01
N THR A 131 -1.32 -14.63 -30.26
CA THR A 131 0.09 -14.87 -30.54
CA THR A 131 0.09 -14.87 -30.54
C THR A 131 0.71 -13.77 -31.41
N GLU A 132 -0.12 -12.86 -31.90
CA GLU A 132 0.32 -11.80 -32.80
C GLU A 132 1.12 -10.70 -32.09
N ILE A 133 0.69 -10.35 -30.89
CA ILE A 133 1.31 -9.27 -30.12
C ILE A 133 2.24 -9.90 -29.09
N ALA A 134 3.53 -9.62 -29.21
CA ALA A 134 4.49 -10.13 -28.24
C ALA A 134 4.44 -9.28 -26.98
N TYR A 135 4.93 -9.81 -25.87
CA TYR A 135 4.97 -9.05 -24.62
C TYR A 135 6.05 -9.58 -23.68
N GLY A 136 6.57 -8.70 -22.82
CA GLY A 136 7.66 -9.08 -21.95
C GLY A 136 7.76 -8.15 -20.75
N THR A 137 8.83 -8.31 -19.98
CA THR A 137 9.02 -7.54 -18.76
C THR A 137 10.46 -7.07 -18.67
N LEU A 138 10.74 -6.30 -17.62
CA LEU A 138 12.10 -5.94 -17.27
C LEU A 138 12.83 -7.14 -16.69
N ASP A 139 14.12 -7.27 -16.99
CA ASP A 139 14.97 -8.28 -16.35
C ASP A 139 15.34 -7.89 -14.91
N SER A 140 15.59 -8.89 -14.06
CA SER A 140 16.20 -8.67 -12.74
C SER A 140 15.33 -7.86 -11.79
N GLY A 141 14.02 -8.01 -11.92
CA GLY A 141 13.13 -7.24 -11.08
C GLY A 141 11.97 -8.08 -10.57
N SER A 142 11.06 -7.42 -9.87
CA SER A 142 9.97 -8.13 -9.20
C SER A 142 8.88 -8.54 -10.18
N THR A 143 8.75 -7.85 -11.31
CA THR A 143 7.72 -8.22 -12.29
C THR A 143 8.06 -9.55 -12.97
N LYS A 144 9.32 -9.74 -13.36
CA LYS A 144 9.69 -11.00 -13.99
C LYS A 144 9.50 -12.16 -13.02
N GLU A 145 9.88 -11.95 -11.76
CA GLU A 145 9.74 -12.97 -10.73
C GLU A 145 8.26 -13.32 -10.48
N PHE A 146 7.39 -12.30 -10.53
CA PHE A 146 5.96 -12.53 -10.42
C PHE A 146 5.45 -13.60 -11.39
N PHE A 147 5.75 -13.43 -12.67
CA PHE A 147 5.30 -14.38 -13.68
C PHE A 147 5.96 -15.74 -13.53
N ARG A 148 7.26 -15.75 -13.25
CA ARG A 148 8.00 -16.98 -13.05
C ARG A 148 7.42 -17.80 -11.90
N ARG A 149 6.90 -17.13 -10.88
CA ARG A 149 6.45 -17.81 -9.67
C ARG A 149 4.94 -18.05 -9.61
N SER A 150 4.20 -17.46 -10.53
CA SER A 150 2.73 -17.47 -10.40
C SER A 150 2.17 -18.86 -10.64
N LYS A 151 1.19 -19.23 -9.82
CA LYS A 151 0.45 -20.48 -10.02
C LYS A 151 -0.94 -20.22 -10.58
N ILE A 152 -1.23 -18.95 -10.87
CA ILE A 152 -2.51 -18.56 -11.48
C ILE A 152 -2.42 -18.88 -12.97
N ALA A 153 -3.40 -19.63 -13.47
CA ALA A 153 -3.36 -20.15 -14.84
C ALA A 153 -2.97 -19.11 -15.90
N VAL A 154 -3.64 -17.97 -15.90
CA VAL A 154 -3.35 -16.97 -16.92
C VAL A 154 -1.89 -16.48 -16.88
N PHE A 155 -1.39 -16.20 -15.68
CA PHE A 155 -0.04 -15.66 -15.55
C PHE A 155 0.97 -16.76 -15.84
N ASP A 156 0.63 -17.99 -15.45
CA ASP A 156 1.49 -19.12 -15.77
C ASP A 156 1.60 -19.30 -17.28
N LYS A 157 0.46 -19.19 -17.97
CA LYS A 157 0.46 -19.26 -19.43
C LYS A 157 1.33 -18.19 -20.07
N MET A 158 1.21 -16.95 -19.56
CA MET A 158 2.03 -15.84 -20.06
C MET A 158 3.52 -16.09 -19.83
N TRP A 159 3.86 -16.62 -18.65
CA TRP A 159 5.25 -16.93 -18.35
C TRP A 159 5.81 -18.01 -19.28
N THR A 160 5.02 -19.06 -19.51
CA THR A 160 5.43 -20.14 -20.39
C THR A 160 5.75 -19.59 -21.77
N TYR A 161 4.94 -18.65 -22.25
CA TYR A 161 5.24 -18.01 -23.53
C TYR A 161 6.49 -17.13 -23.44
N MET A 162 6.51 -16.23 -22.46
CA MET A 162 7.59 -15.23 -22.41
C MET A 162 8.97 -15.84 -22.26
N ARG A 163 9.08 -16.86 -21.41
CA ARG A 163 10.40 -17.42 -21.06
C ARG A 163 11.09 -18.03 -22.26
N SER A 164 10.33 -18.44 -23.28
CA SER A 164 10.88 -19.12 -24.44
CA SER A 164 10.95 -19.08 -24.42
C SER A 164 10.75 -18.31 -25.73
N ALA A 165 10.23 -17.08 -25.62
CA ALA A 165 9.98 -16.29 -26.83
C ALA A 165 11.27 -15.89 -27.54
N GLU A 166 11.27 -15.93 -28.87
CA GLU A 166 12.44 -15.57 -29.67
C GLU A 166 12.04 -14.60 -30.77
N PRO A 167 12.75 -13.46 -30.89
CA PRO A 167 13.83 -13.02 -30.00
C PRO A 167 13.29 -12.66 -28.61
N SER A 168 14.21 -12.44 -27.66
CA SER A 168 13.84 -12.19 -26.27
C SER A 168 12.80 -11.09 -26.15
N VAL A 169 11.84 -11.28 -25.24
CA VAL A 169 10.84 -10.24 -24.99
C VAL A 169 11.20 -9.43 -23.76
N PHE A 170 12.32 -9.77 -23.12
CA PHE A 170 12.72 -9.09 -21.88
C PHE A 170 13.63 -7.92 -22.21
N VAL A 171 13.58 -6.88 -21.40
CA VAL A 171 14.42 -5.71 -21.66
C VAL A 171 15.30 -5.40 -20.45
N ARG A 172 16.39 -4.65 -20.68
CA ARG A 172 17.31 -4.36 -19.58
C ARG A 172 16.93 -3.13 -18.77
N THR A 173 16.22 -2.20 -19.39
CA THR A 173 15.79 -0.97 -18.71
C THR A 173 14.37 -0.66 -19.15
N THR A 174 13.66 0.13 -18.34
CA THR A 174 12.29 0.51 -18.69
C THR A 174 12.26 1.27 -19.99
N ALA A 175 13.25 2.14 -20.19
CA ALA A 175 13.31 2.93 -21.42
C ALA A 175 13.34 2.04 -22.65
N GLU A 176 14.04 0.91 -22.56
CA GLU A 176 14.09 -0.03 -23.67
C GLU A 176 12.72 -0.67 -23.92
N GLY A 177 11.98 -0.94 -22.85
CA GLY A 177 10.64 -1.48 -22.98
C GLY A 177 9.72 -0.47 -23.65
N VAL A 178 9.82 0.79 -23.21
CA VAL A 178 9.01 1.86 -23.78
C VAL A 178 9.28 2.03 -25.27
N ALA A 179 10.56 2.07 -25.66
CA ALA A 179 10.93 2.22 -27.07
C ALA A 179 10.35 1.09 -27.90
N ARG A 180 10.39 -0.11 -27.35
CA ARG A 180 9.90 -1.29 -28.08
C ARG A 180 8.39 -1.20 -28.32
N VAL A 181 7.65 -0.77 -27.32
CA VAL A 181 6.21 -0.55 -27.51
C VAL A 181 5.98 0.51 -28.60
N ARG A 182 6.72 1.61 -28.50
CA ARG A 182 6.49 2.73 -29.40
C ARG A 182 6.88 2.46 -30.84
N LYS A 183 7.86 1.58 -31.04
CA LYS A 183 8.37 1.35 -32.39
C LYS A 183 7.77 0.10 -33.04
N SER A 184 6.99 -0.68 -32.30
CA SER A 184 6.56 -1.98 -32.81
C SER A 184 5.17 -2.00 -33.44
N LYS A 185 4.59 -0.83 -33.66
CA LYS A 185 3.33 -0.73 -34.43
C LYS A 185 2.20 -1.53 -33.82
N GLY A 186 2.21 -1.67 -32.50
CA GLY A 186 1.16 -2.37 -31.80
C GLY A 186 1.46 -3.84 -31.62
N LYS A 187 2.62 -4.29 -32.08
CA LYS A 187 2.96 -5.70 -32.01
C LYS A 187 3.80 -6.06 -30.79
N TYR A 188 4.00 -5.10 -29.89
CA TYR A 188 4.63 -5.39 -28.60
C TYR A 188 3.89 -4.66 -27.48
N ALA A 189 3.60 -5.39 -26.41
CA ALA A 189 3.02 -4.78 -25.21
C ALA A 189 3.99 -5.03 -24.06
N TYR A 190 4.08 -4.10 -23.13
CA TYR A 190 5.10 -4.18 -22.10
C TYR A 190 4.45 -4.32 -20.74
N LEU A 191 4.98 -5.25 -19.94
CA LEU A 191 4.46 -5.48 -18.60
CA LEU A 191 4.45 -5.49 -18.61
C LEU A 191 5.34 -4.76 -17.59
N LEU A 192 4.76 -3.77 -16.91
CA LEU A 192 5.52 -2.95 -15.98
C LEU A 192 4.63 -2.42 -14.88
N GLU A 193 5.25 -1.80 -13.88
CA GLU A 193 4.54 -1.32 -12.72
C GLU A 193 3.69 -0.09 -13.05
N SER A 194 2.51 -0.02 -12.45
CA SER A 194 1.52 1.00 -12.79
C SER A 194 2.08 2.41 -12.64
N THR A 195 2.99 2.58 -11.68
CA THR A 195 3.67 3.85 -11.43
C THR A 195 4.43 4.34 -12.65
N MET A 196 5.26 3.47 -13.21
CA MET A 196 6.05 3.81 -14.40
CA MET A 196 6.05 3.84 -14.38
C MET A 196 5.14 3.97 -15.61
N ASN A 197 4.15 3.09 -15.70
CA ASN A 197 3.18 3.13 -16.80
C ASN A 197 2.47 4.49 -16.83
N GLU A 198 1.94 4.90 -15.68
CA GLU A 198 1.21 6.16 -15.56
C GLU A 198 2.12 7.36 -15.83
N TYR A 199 3.38 7.27 -15.44
CA TYR A 199 4.31 8.33 -15.78
C TYR A 199 4.50 8.47 -17.31
N ILE A 200 4.78 7.36 -17.98
CA ILE A 200 5.07 7.39 -19.42
C ILE A 200 3.86 7.89 -20.21
N GLU A 201 2.69 7.50 -19.72
CA GLU A 201 1.43 7.94 -20.30
C GLU A 201 1.32 9.46 -20.34
N GLN A 202 2.08 10.14 -19.46
CA GLN A 202 2.07 11.61 -19.41
C GLN A 202 3.24 12.26 -20.19
N ARG A 203 4.01 11.45 -20.92
CA ARG A 203 5.16 11.95 -21.65
C ARG A 203 4.95 11.94 -23.16
N LYS A 204 5.47 12.95 -23.85
CA LYS A 204 5.45 12.98 -25.30
C LYS A 204 6.11 11.73 -25.86
N PRO A 205 5.65 11.24 -27.03
CA PRO A 205 4.57 11.82 -27.84
C PRO A 205 3.17 11.31 -27.49
N CYS A 206 2.94 10.93 -26.23
CA CYS A 206 1.61 10.56 -25.75
C CYS A 206 0.99 9.45 -26.60
N ASP A 207 1.78 8.41 -26.89
CA ASP A 207 1.29 7.33 -27.76
C ASP A 207 1.10 6.01 -27.05
N THR A 208 1.26 6.00 -25.72
CA THR A 208 1.07 4.77 -24.97
C THR A 208 -0.07 4.96 -23.97
N MET A 209 -0.62 3.85 -23.50
CA MET A 209 -1.54 3.94 -22.39
C MET A 209 -1.57 2.68 -21.57
N LYS A 210 -2.06 2.83 -20.34
CA LYS A 210 -2.19 1.74 -19.41
C LYS A 210 -3.55 1.12 -19.68
N VAL A 211 -3.61 -0.20 -19.77
CA VAL A 211 -4.87 -0.85 -20.08
C VAL A 211 -5.15 -1.99 -19.09
N GLY A 212 -6.41 -2.11 -18.66
CA GLY A 212 -6.78 -3.15 -17.72
C GLY A 212 -6.55 -2.78 -16.27
N GLY A 213 -6.99 -3.64 -15.36
CA GLY A 213 -6.70 -3.43 -13.95
C GLY A 213 -5.28 -3.91 -13.68
N ASN A 214 -4.76 -3.59 -12.51
CA ASN A 214 -3.45 -4.09 -12.13
C ASN A 214 -3.52 -5.60 -11.85
N LEU A 215 -2.40 -6.29 -12.06
CA LEU A 215 -2.38 -7.74 -11.93
C LEU A 215 -2.16 -8.16 -10.48
N ASP A 216 -1.66 -7.22 -9.68
CA ASP A 216 -1.41 -7.45 -8.27
C ASP A 216 -1.34 -6.11 -7.56
N SER A 217 -1.12 -6.13 -6.25
CA SER A 217 -1.06 -4.91 -5.46
CA SER A 217 -1.07 -4.91 -5.45
C SER A 217 0.10 -4.98 -4.47
N LYS A 218 0.98 -3.99 -4.52
CA LYS A 218 2.15 -4.01 -3.64
C LYS A 218 2.73 -2.63 -3.40
N GLY A 219 3.91 -2.57 -2.81
CA GLY A 219 4.48 -1.30 -2.40
C GLY A 219 5.98 -1.23 -2.61
N TYR A 220 6.47 0.00 -2.81
CA TYR A 220 7.90 0.28 -2.77
C TYR A 220 8.29 0.61 -1.34
N GLY A 221 9.45 0.14 -0.90
CA GLY A 221 9.93 0.48 0.42
C GLY A 221 11.37 0.95 0.36
N ILE A 222 11.78 1.70 1.37
CA ILE A 222 13.17 2.10 1.50
CA ILE A 222 13.19 2.07 1.45
C ILE A 222 13.95 0.95 2.13
N ALA A 223 15.06 0.53 1.51
CA ALA A 223 15.75 -0.64 2.02
C ALA A 223 17.08 -0.35 2.73
N THR A 224 17.38 -1.14 3.74
CA THR A 224 18.65 -1.02 4.47
C THR A 224 19.19 -2.43 4.67
N PRO A 225 20.53 -2.55 4.93
CA PRO A 225 21.07 -3.88 5.21
C PRO A 225 20.38 -4.46 6.43
N LYS A 226 20.24 -5.78 6.48
CA LYS A 226 19.49 -6.41 7.55
C LYS A 226 20.06 -6.02 8.89
N GLY A 227 19.22 -5.51 9.78
CA GLY A 227 19.65 -5.13 11.11
C GLY A 227 20.37 -3.79 11.21
N SER A 228 20.38 -3.02 10.12
CA SER A 228 20.96 -1.67 10.15
C SER A 228 20.23 -0.75 11.13
N SER A 229 20.99 -0.03 11.93
CA SER A 229 20.42 0.85 12.96
C SER A 229 19.63 2.01 12.36
N LEU A 230 19.90 2.32 11.09
CA LEU A 230 19.22 3.39 10.37
C LEU A 230 17.74 3.08 10.10
N GLY A 231 17.41 1.79 10.10
CA GLY A 231 16.10 1.33 9.67
C GLY A 231 14.90 1.88 10.43
N ASN A 232 14.99 1.94 11.75
CA ASN A 232 13.84 2.39 12.56
C ASN A 232 13.48 3.84 12.27
N ALA A 233 14.50 4.70 12.26
CA ALA A 233 14.31 6.13 12.02
C ALA A 233 13.76 6.42 10.62
N VAL A 234 14.33 5.74 9.63
CA VAL A 234 13.88 5.88 8.25
C VAL A 234 12.41 5.47 8.10
N ASN A 235 12.03 4.39 8.78
CA ASN A 235 10.66 3.91 8.74
C ASN A 235 9.70 4.95 9.33
N LEU A 236 10.06 5.54 10.47
CA LEU A 236 9.22 6.58 11.07
C LEU A 236 9.16 7.79 10.15
N ALA A 237 10.29 8.11 9.54
CA ALA A 237 10.33 9.25 8.62
C ALA A 237 9.35 9.06 7.46
N VAL A 238 9.32 7.85 6.91
CA VAL A 238 8.36 7.57 5.85
C VAL A 238 6.91 7.75 6.32
N LEU A 239 6.60 7.24 7.51
CA LEU A 239 5.22 7.35 8.00
C LEU A 239 4.85 8.80 8.24
N LYS A 240 5.79 9.57 8.80
CA LYS A 240 5.55 10.99 9.02
C LYS A 240 5.33 11.76 7.71
N LEU A 241 6.19 11.52 6.72
CA LEU A 241 6.06 12.18 5.43
C LEU A 241 4.73 11.81 4.77
N SER A 242 4.35 10.54 4.91
CA SER A 242 3.08 10.05 4.38
C SER A 242 1.90 10.82 4.98
N GLU A 243 1.89 10.92 6.31
CA GLU A 243 0.78 11.55 7.02
C GLU A 243 0.74 13.07 6.84
N GLN A 244 1.90 13.68 6.56
CA GLN A 244 1.91 15.12 6.28
C GLN A 244 1.43 15.43 4.86
N GLY A 245 1.21 14.39 4.06
CA GLY A 245 0.77 14.55 2.69
C GLY A 245 1.90 14.86 1.72
N LEU A 246 3.14 14.79 2.19
CA LEU A 246 4.30 15.14 1.37
C LEU A 246 4.55 14.11 0.26
N LEU A 247 4.27 12.84 0.51
CA LEU A 247 4.44 11.83 -0.54
C LEU A 247 3.46 12.07 -1.68
N ASP A 248 2.22 12.41 -1.33
CA ASP A 248 1.21 12.77 -2.32
C ASP A 248 1.65 13.95 -3.17
N LYS A 249 2.22 14.95 -2.50
CA LYS A 249 2.72 16.15 -3.17
C LYS A 249 3.85 15.83 -4.12
N LEU A 250 4.77 14.94 -3.71
CA LEU A 250 5.88 14.59 -4.58
C LEU A 250 5.41 13.81 -5.78
N LYS A 251 4.45 12.90 -5.59
CA LYS A 251 3.93 12.12 -6.71
C LYS A 251 3.30 13.07 -7.74
N ASN A 252 2.47 14.00 -7.25
CA ASN A 252 1.83 14.95 -8.15
CA ASN A 252 1.82 14.96 -8.13
C ASN A 252 2.83 15.82 -8.89
N LYS A 253 3.87 16.26 -8.18
CA LYS A 253 4.93 17.07 -8.75
C LYS A 253 5.61 16.40 -9.95
N TRP A 254 5.99 15.13 -9.79
CA TRP A 254 6.82 14.47 -10.80
C TRP A 254 6.02 13.73 -11.88
N TRP A 255 4.77 13.40 -11.59
CA TRP A 255 3.93 12.69 -12.54
C TRP A 255 3.02 13.61 -13.33
N TYR A 256 2.40 14.56 -12.65
CA TYR A 256 1.28 15.26 -13.28
C TYR A 256 1.49 16.75 -13.46
N ASP A 257 2.11 17.40 -12.47
CA ASP A 257 2.27 18.86 -12.52
C ASP A 257 2.94 19.34 -13.81
N LYS A 258 4.02 18.67 -14.23
CA LYS A 258 4.60 18.99 -15.52
C LYS A 258 4.46 17.87 -16.55
N GLY A 259 3.30 17.21 -16.55
CA GLY A 259 3.00 16.25 -17.62
C GLY A 259 3.00 16.96 -18.96
N GLU A 260 3.34 16.23 -20.01
CA GLU A 260 3.48 16.82 -21.35
C GLU A 260 2.30 16.50 -22.27
N CYS A 261 1.26 15.86 -21.72
CA CYS A 261 0.13 15.41 -22.56
C CYS A 261 -1.17 16.12 -22.22
N GLY A 262 -1.06 17.33 -21.67
CA GLY A 262 -2.23 18.13 -21.36
C GLY A 262 -2.72 18.09 -19.93
N SER A 263 -3.84 18.76 -19.68
CA SER A 263 -4.46 18.78 -18.35
C SER A 263 -5.72 17.93 -18.29
N GLY B 1 -5.05 -18.79 29.90
CA GLY B 1 -5.34 -19.77 28.87
C GLY B 1 -4.27 -20.84 28.75
N ALA B 2 -4.41 -21.69 27.74
CA ALA B 2 -3.44 -22.75 27.51
C ALA B 2 -2.08 -22.18 27.11
N ASN B 3 -1.01 -22.86 27.49
CA ASN B 3 0.33 -22.47 27.04
C ASN B 3 0.42 -22.55 25.52
N LYS B 4 1.31 -21.72 24.94
CA LYS B 4 1.55 -21.70 23.49
C LYS B 4 0.36 -21.22 22.66
N THR B 5 -0.73 -20.83 23.31
CA THR B 5 -1.88 -20.28 22.56
C THR B 5 -1.72 -18.77 22.41
N VAL B 6 -1.67 -18.32 21.17
CA VAL B 6 -1.55 -16.89 20.89
C VAL B 6 -2.91 -16.20 21.07
N VAL B 7 -2.95 -15.15 21.89
CA VAL B 7 -4.20 -14.38 22.05
C VAL B 7 -4.31 -13.28 21.00
N VAL B 8 -5.31 -13.41 20.13
CA VAL B 8 -5.51 -12.48 19.03
C VAL B 8 -6.58 -11.47 19.44
N THR B 9 -6.23 -10.19 19.47
CA THR B 9 -7.27 -9.19 19.70
C THR B 9 -7.81 -8.73 18.36
N THR B 10 -9.11 -8.51 18.28
CA THR B 10 -9.69 -8.05 17.03
C THR B 10 -10.97 -7.30 17.34
N ILE B 11 -11.68 -6.85 16.31
CA ILE B 11 -12.81 -5.97 16.53
C ILE B 11 -13.99 -6.36 15.65
N LEU B 12 -15.21 -6.19 16.15
CA LEU B 12 -16.38 -6.50 15.34
C LEU B 12 -16.61 -5.38 14.32
N GLU B 13 -16.24 -5.65 13.08
CA GLU B 13 -16.32 -4.68 11.99
C GLU B 13 -16.55 -5.44 10.71
N SER B 14 -17.69 -5.21 10.06
CA SER B 14 -18.00 -5.93 8.83
C SER B 14 -17.19 -5.39 7.66
N PRO B 15 -16.69 -6.29 6.78
CA PRO B 15 -16.86 -7.74 6.85
C PRO B 15 -15.61 -8.40 7.39
N TYR B 16 -14.84 -7.66 8.18
CA TYR B 16 -13.58 -8.18 8.72
C TYR B 16 -13.83 -9.24 9.77
N VAL B 17 -14.65 -8.89 10.77
CA VAL B 17 -15.04 -9.85 11.79
C VAL B 17 -16.52 -9.63 12.10
N MET B 18 -17.31 -10.70 11.95
CA MET B 18 -18.75 -10.63 12.18
C MET B 18 -19.18 -11.86 12.97
N MET B 19 -20.28 -11.74 13.71
CA MET B 19 -20.86 -12.89 14.41
C MET B 19 -21.58 -13.77 13.41
N LYS B 20 -21.30 -15.07 13.41
CA LYS B 20 -22.04 -15.98 12.54
C LYS B 20 -23.50 -16.05 12.93
N LYS B 21 -24.36 -16.42 11.98
CA LYS B 21 -25.73 -16.81 12.30
C LYS B 21 -25.69 -17.94 13.34
N ASN B 22 -26.58 -17.87 14.32
CA ASN B 22 -26.68 -18.83 15.42
CA ASN B 22 -26.66 -18.87 15.38
C ASN B 22 -25.43 -18.93 16.30
N HIS B 23 -24.63 -17.86 16.31
CA HIS B 23 -23.41 -17.81 17.11
C HIS B 23 -23.63 -18.10 18.60
N GLU B 24 -24.84 -17.85 19.09
CA GLU B 24 -25.11 -18.02 20.53
C GLU B 24 -24.99 -19.47 20.98
N MET B 25 -25.06 -20.40 20.04
CA MET B 25 -24.82 -21.80 20.39
C MET B 25 -23.43 -22.28 19.96
N LEU B 26 -22.66 -21.37 19.35
CA LEU B 26 -21.29 -21.67 18.94
C LEU B 26 -20.30 -21.28 20.05
N GLU B 27 -19.05 -21.71 19.89
CA GLU B 27 -18.04 -21.62 20.95
C GLU B 27 -16.70 -21.18 20.36
N GLY B 28 -15.94 -20.42 21.14
CA GLY B 28 -14.58 -20.04 20.76
C GLY B 28 -14.45 -19.39 19.40
N ASN B 29 -13.43 -19.78 18.64
CA ASN B 29 -13.19 -19.16 17.35
C ASN B 29 -14.31 -19.35 16.35
N GLU B 30 -15.14 -20.39 16.54
CA GLU B 30 -16.20 -20.69 15.58
C GLU B 30 -17.36 -19.69 15.63
N ARG B 31 -17.38 -18.83 16.65
CA ARG B 31 -18.43 -17.81 16.74
C ARG B 31 -18.33 -16.76 15.63
N TYR B 32 -17.14 -16.63 15.03
CA TYR B 32 -16.85 -15.49 14.15
C TYR B 32 -16.58 -15.91 12.71
N GLU B 33 -16.89 -15.03 11.77
CA GLU B 33 -16.51 -15.22 10.37
C GLU B 33 -16.07 -13.89 9.79
N GLY B 34 -15.33 -13.92 8.69
CA GLY B 34 -14.95 -12.67 8.04
C GLY B 34 -13.54 -12.68 7.50
N TYR B 35 -13.18 -11.58 6.84
CA TYR B 35 -11.87 -11.44 6.21
C TYR B 35 -10.75 -11.68 7.20
N CYS B 36 -10.82 -11.03 8.36
CA CYS B 36 -9.75 -11.15 9.35
C CYS B 36 -9.75 -12.49 10.08
N VAL B 37 -10.91 -13.13 10.15
CA VAL B 37 -10.99 -14.48 10.70
C VAL B 37 -10.25 -15.45 9.78
N ASP B 38 -10.51 -15.36 8.49
CA ASP B 38 -9.79 -16.16 7.49
C ASP B 38 -8.30 -15.82 7.49
N LEU B 39 -7.97 -14.53 7.58
CA LEU B 39 -6.56 -14.12 7.55
C LEU B 39 -5.84 -14.69 8.77
N ALA B 40 -6.47 -14.59 9.94
CA ALA B 40 -5.89 -15.14 11.17
C ALA B 40 -5.57 -16.61 11.00
N ALA B 41 -6.51 -17.36 10.40
CA ALA B 41 -6.32 -18.78 10.16
C ALA B 41 -5.10 -19.06 9.29
N GLU B 42 -4.99 -18.33 8.18
CA GLU B 42 -3.86 -18.49 7.25
C GLU B 42 -2.53 -18.08 7.86
N ILE B 43 -2.52 -16.98 8.60
CA ILE B 43 -1.30 -16.52 9.26
C ILE B 43 -0.82 -17.56 10.27
N ALA B 44 -1.76 -18.07 11.07
CA ALA B 44 -1.43 -19.04 12.10
C ALA B 44 -0.91 -20.37 11.54
N LYS B 45 -1.45 -20.77 10.39
CA LYS B 45 -0.99 -21.98 9.72
C LYS B 45 0.46 -21.81 9.24
N HIS B 46 0.75 -20.68 8.60
CA HIS B 46 2.09 -20.36 8.11
C HIS B 46 3.12 -20.20 9.23
N CYS B 47 2.67 -19.75 10.41
CA CYS B 47 3.60 -19.51 11.52
C CYS B 47 3.60 -20.65 12.51
N GLY B 48 2.66 -21.57 12.35
CA GLY B 48 2.55 -22.74 13.21
C GLY B 48 2.14 -22.46 14.66
N PHE B 49 1.15 -21.60 14.87
CA PHE B 49 0.68 -21.42 16.23
C PHE B 49 -0.82 -21.66 16.37
N LYS B 50 -1.23 -22.12 17.54
CA LYS B 50 -2.64 -22.15 17.91
C LYS B 50 -3.02 -20.77 18.44
N TYR B 51 -4.28 -20.37 18.29
CA TYR B 51 -4.66 -19.03 18.67
C TYR B 51 -6.07 -18.95 19.22
N LYS B 52 -6.36 -17.87 19.94
CA LYS B 52 -7.68 -17.62 20.49
C LYS B 52 -8.15 -16.23 20.08
N LEU B 53 -9.24 -16.18 19.30
CA LEU B 53 -9.78 -14.89 18.90
C LEU B 53 -10.56 -14.28 20.05
N THR B 54 -10.27 -13.02 20.38
CA THR B 54 -11.01 -12.30 21.40
C THR B 54 -11.40 -10.94 20.84
N ILE B 55 -12.63 -10.51 21.08
CA ILE B 55 -13.06 -9.20 20.62
C ILE B 55 -12.60 -8.17 21.63
N VAL B 56 -11.92 -7.11 21.15
CA VAL B 56 -11.40 -6.07 22.05
C VAL B 56 -12.46 -5.56 23.03
N GLY B 57 -12.12 -5.55 24.31
CA GLY B 57 -13.09 -5.27 25.37
C GLY B 57 -13.85 -3.96 25.27
N ASP B 58 -13.17 -2.89 24.86
CA ASP B 58 -13.81 -1.57 24.76
C ASP B 58 -14.33 -1.23 23.36
N GLY B 59 -14.12 -2.16 22.41
CA GLY B 59 -14.64 -1.99 21.06
C GLY B 59 -14.02 -0.86 20.25
N LYS B 60 -12.79 -0.50 20.60
CA LYS B 60 -12.10 0.61 19.94
C LYS B 60 -10.85 0.15 19.22
N TYR B 61 -10.43 0.93 18.22
CA TYR B 61 -9.23 0.60 17.47
C TYR B 61 -7.99 0.95 18.29
N GLY B 62 -7.91 2.20 18.73
CA GLY B 62 -6.83 2.57 19.64
C GLY B 62 -6.36 3.99 19.49
N ALA B 63 -6.47 4.74 20.58
CA ALA B 63 -5.97 6.11 20.65
C ALA B 63 -5.33 6.34 22.01
N ARG B 64 -4.40 7.29 22.09
CA ARG B 64 -3.77 7.65 23.35
C ARG B 64 -4.46 8.86 23.95
N ASP B 65 -4.92 8.76 25.19
CA ASP B 65 -5.51 9.90 25.89
C ASP B 65 -4.47 11.01 26.06
N ALA B 66 -4.80 12.25 25.72
CA ALA B 66 -3.81 13.33 25.81
C ALA B 66 -3.32 13.60 27.24
N ASP B 67 -4.22 13.47 28.22
CA ASP B 67 -3.91 13.76 29.61
C ASP B 67 -3.20 12.61 30.35
N THR B 68 -3.83 11.44 30.36
CA THR B 68 -3.28 10.27 31.04
C THR B 68 -2.20 9.57 30.22
N LYS B 69 -2.24 9.78 28.90
CA LYS B 69 -1.36 9.09 27.96
C LYS B 69 -1.49 7.57 28.01
N ILE B 70 -2.68 7.11 28.38
CA ILE B 70 -3.03 5.69 28.35
C ILE B 70 -3.62 5.36 26.98
N TRP B 71 -3.17 4.26 26.38
CA TRP B 71 -3.71 3.78 25.11
C TRP B 71 -4.95 2.93 25.34
N ASN B 72 -5.98 3.14 24.54
CA ASN B 72 -7.16 2.27 24.61
C ASN B 72 -7.23 1.34 23.40
N GLY B 73 -8.35 0.61 23.27
CA GLY B 73 -8.61 -0.20 22.09
C GLY B 73 -7.67 -1.39 21.90
N MET B 74 -7.56 -1.87 20.66
CA MET B 74 -6.65 -2.97 20.39
C MET B 74 -5.21 -2.56 20.60
N VAL B 75 -4.88 -1.31 20.33
CA VAL B 75 -3.50 -0.85 20.59
C VAL B 75 -3.19 -1.00 22.07
N GLY B 76 -4.11 -0.56 22.93
CA GLY B 76 -3.94 -0.71 24.37
C GLY B 76 -3.76 -2.16 24.81
N GLU B 77 -4.52 -3.06 24.19
CA GLU B 77 -4.39 -4.47 24.56
C GLU B 77 -3.00 -5.03 24.25
N LEU B 78 -2.39 -4.60 23.14
CA LEU B 78 -1.03 -5.01 22.84
C LEU B 78 -0.06 -4.36 23.80
N VAL B 79 -0.24 -3.05 24.00
CA VAL B 79 0.65 -2.27 24.86
C VAL B 79 0.70 -2.76 26.31
N TYR B 80 -0.46 -3.12 26.87
CA TYR B 80 -0.50 -3.53 28.28
C TYR B 80 -0.42 -5.05 28.47
N GLY B 81 -0.21 -5.77 27.38
CA GLY B 81 0.03 -7.20 27.45
C GLY B 81 -1.20 -8.09 27.57
N LYS B 82 -2.37 -7.58 27.20
CA LYS B 82 -3.61 -8.39 27.27
C LYS B 82 -3.77 -9.27 26.02
N ALA B 83 -3.03 -8.96 24.96
CA ALA B 83 -3.10 -9.73 23.72
C ALA B 83 -1.71 -9.88 23.11
N ASP B 84 -1.51 -10.92 22.30
CA ASP B 84 -0.20 -11.19 21.73
C ASP B 84 -0.07 -10.63 20.31
N ILE B 85 -1.22 -10.39 19.68
CA ILE B 85 -1.24 -9.96 18.29
C ILE B 85 -2.60 -9.38 17.98
N ALA B 86 -2.65 -8.40 17.08
CA ALA B 86 -3.92 -7.83 16.63
C ALA B 86 -4.07 -8.12 15.16
N ILE B 87 -5.18 -8.72 14.79
CA ILE B 87 -5.48 -9.04 13.39
C ILE B 87 -6.84 -8.43 13.07
N ALA B 88 -6.81 -7.26 12.44
CA ALA B 88 -7.98 -6.41 12.31
C ALA B 88 -7.69 -5.34 11.27
N PRO B 89 -8.72 -4.59 10.83
CA PRO B 89 -8.42 -3.46 9.93
C PRO B 89 -7.83 -2.29 10.70
N LEU B 90 -6.59 -2.50 11.16
CA LEU B 90 -5.90 -1.57 12.04
C LEU B 90 -4.89 -0.78 11.23
N THR B 91 -5.09 0.54 11.17
CA THR B 91 -4.27 1.40 10.31
C THR B 91 -2.87 1.63 10.85
N ILE B 92 -1.87 1.47 9.98
CA ILE B 92 -0.48 1.74 10.32
C ILE B 92 -0.30 3.24 10.37
N THR B 93 0.02 3.77 11.55
CA THR B 93 0.21 5.20 11.70
C THR B 93 1.51 5.47 12.45
N TYR B 94 2.00 6.71 12.33
CA TYR B 94 3.22 7.11 13.01
C TYR B 94 3.13 6.94 14.53
N VAL B 95 2.06 7.44 15.16
CA VAL B 95 1.98 7.37 16.61
C VAL B 95 1.87 5.92 17.12
N ARG B 96 1.19 5.05 16.37
CA ARG B 96 1.11 3.64 16.77
C ARG B 96 2.43 2.89 16.55
N GLU B 97 3.09 3.16 15.41
CA GLU B 97 4.37 2.53 15.10
C GLU B 97 5.40 2.81 16.20
N GLU B 98 5.29 3.96 16.87
CA GLU B 98 6.20 4.25 17.98
C GLU B 98 6.01 3.30 19.16
N VAL B 99 4.80 2.75 19.32
CA VAL B 99 4.53 1.92 20.52
C VAL B 99 4.29 0.42 20.27
N ILE B 100 3.93 0.07 19.04
CA ILE B 100 3.77 -1.35 18.67
C ILE B 100 4.48 -1.65 17.34
N ASP B 101 4.66 -2.94 17.04
CA ASP B 101 5.22 -3.36 15.75
C ASP B 101 4.09 -3.68 14.76
N PHE B 102 4.34 -3.41 13.47
CA PHE B 102 3.37 -3.67 12.42
C PHE B 102 4.03 -4.50 11.31
N SER B 103 3.29 -5.45 10.74
CA SER B 103 3.73 -6.14 9.53
C SER B 103 3.64 -5.15 8.38
N LYS B 104 4.24 -5.48 7.23
CA LYS B 104 3.95 -4.73 6.03
C LYS B 104 2.43 -4.82 5.80
N PRO B 105 1.85 -3.85 5.08
CA PRO B 105 0.39 -3.85 4.98
C PRO B 105 -0.21 -5.03 4.23
N PHE B 106 -1.37 -5.53 4.67
CA PHE B 106 -2.10 -6.57 3.95
C PHE B 106 -3.27 -6.01 3.11
N MET B 107 -3.58 -4.73 3.28
CA MET B 107 -4.67 -4.10 2.55
C MET B 107 -4.48 -2.60 2.48
N SER B 108 -4.78 -2.01 1.33
CA SER B 108 -4.64 -0.56 1.18
C SER B 108 -6.01 0.10 1.35
N LEU B 109 -6.00 1.37 1.73
CA LEU B 109 -7.25 2.10 1.94
C LEU B 109 -6.97 3.60 1.97
N GLY B 110 -8.04 4.40 1.96
CA GLY B 110 -7.93 5.82 2.18
C GLY B 110 -9.20 6.30 2.85
N ILE B 111 -9.13 7.44 3.52
CA ILE B 111 -10.32 8.03 4.11
C ILE B 111 -11.21 8.50 2.97
N SER B 112 -12.51 8.27 3.11
CA SER B 112 -13.44 8.56 2.03
C SER B 112 -14.73 9.09 2.60
N ILE B 113 -15.61 9.57 1.72
CA ILE B 113 -16.87 10.16 2.16
C ILE B 113 -18.03 9.25 1.79
N MET B 114 -18.92 9.02 2.76
CA MET B 114 -20.17 8.30 2.53
C MET B 114 -21.34 9.25 2.69
N ILE B 115 -22.18 9.31 1.66
CA ILE B 115 -23.40 10.12 1.73
C ILE B 115 -24.63 9.24 1.51
N LYS B 116 -25.79 9.71 1.94
CA LYS B 116 -27.04 9.10 1.49
C LYS B 116 -27.22 9.50 0.03
N LYS B 117 -27.59 8.54 -0.82
CA LYS B 117 -27.77 8.80 -2.24
C LYS B 117 -28.56 10.07 -2.51
N GLY B 118 -28.01 10.93 -3.37
CA GLY B 118 -28.67 12.16 -3.76
C GLY B 118 -28.21 13.41 -3.02
N THR B 119 -27.49 13.23 -1.91
CA THR B 119 -26.92 14.34 -1.17
C THR B 119 -26.03 15.17 -2.10
N PRO B 120 -26.22 16.50 -2.13
CA PRO B 120 -25.44 17.36 -3.03
C PRO B 120 -24.05 17.66 -2.48
N ILE B 121 -23.22 16.62 -2.40
CA ILE B 121 -21.84 16.75 -1.98
C ILE B 121 -21.02 15.85 -2.90
N GLU B 122 -19.95 16.38 -3.49
CA GLU B 122 -19.10 15.57 -4.36
C GLU B 122 -17.66 15.45 -3.86
N SER B 123 -17.33 16.13 -2.78
CA SER B 123 -15.93 16.19 -2.33
C SER B 123 -15.80 16.70 -0.90
N ALA B 124 -14.62 16.54 -0.32
CA ALA B 124 -14.34 17.08 1.01
C ALA B 124 -14.44 18.61 0.98
N GLU B 125 -13.95 19.20 -0.11
CA GLU B 125 -14.06 20.65 -0.26
C GLU B 125 -15.51 21.11 -0.17
N ASP B 126 -16.42 20.42 -0.87
CA ASP B 126 -17.86 20.72 -0.78
C ASP B 126 -18.34 20.71 0.66
N LEU B 127 -17.99 19.66 1.39
CA LEU B 127 -18.39 19.53 2.80
C LEU B 127 -17.96 20.76 3.60
N SER B 128 -16.71 21.17 3.42
CA SER B 128 -16.14 22.26 4.21
C SER B 128 -16.78 23.61 3.93
N LYS B 129 -17.39 23.75 2.75
CA LYS B 129 -17.92 25.05 2.31
C LYS B 129 -19.36 25.28 2.71
N GLN B 130 -19.94 24.35 3.45
CA GLN B 130 -21.36 24.45 3.79
C GLN B 130 -21.59 24.01 5.23
N THR B 131 -22.81 24.21 5.71
CA THR B 131 -23.14 23.92 7.09
C THR B 131 -24.47 23.20 7.21
N GLU B 132 -25.18 23.05 6.09
CA GLU B 132 -26.48 22.38 6.11
C GLU B 132 -26.30 20.91 6.44
N ILE B 133 -25.30 20.28 5.82
CA ILE B 133 -25.04 18.86 5.99
C ILE B 133 -23.94 18.62 7.03
N ALA B 134 -24.32 18.07 8.18
CA ALA B 134 -23.36 17.71 9.22
C ALA B 134 -22.48 16.53 8.78
N TYR B 135 -21.29 16.41 9.37
CA TYR B 135 -20.40 15.28 9.06
C TYR B 135 -19.45 15.00 10.20
N GLY B 136 -19.08 13.73 10.37
CA GLY B 136 -18.19 13.35 11.45
C GLY B 136 -17.45 12.07 11.14
N THR B 137 -16.78 11.53 12.16
CA THR B 137 -15.94 10.34 12.01
C THR B 137 -16.11 9.42 13.18
N LEU B 138 -15.41 8.28 13.12
CA LEU B 138 -15.35 7.36 14.25
C LEU B 138 -14.45 7.89 15.36
N ASP B 139 -14.89 7.74 16.62
CA ASP B 139 -14.05 7.99 17.80
C ASP B 139 -12.85 7.02 17.91
N SER B 140 -11.75 7.51 18.47
CA SER B 140 -10.61 6.65 18.86
C SER B 140 -9.97 5.88 17.70
N GLY B 141 -9.98 6.47 16.51
CA GLY B 141 -9.37 5.81 15.37
C GLY B 141 -8.49 6.74 14.56
N SER B 142 -7.90 6.20 13.50
CA SER B 142 -6.95 6.95 12.71
C SER B 142 -7.60 8.06 11.88
N THR B 143 -8.88 7.93 11.56
CA THR B 143 -9.54 8.94 10.74
C THR B 143 -9.70 10.23 11.54
N LYS B 144 -10.11 10.09 12.80
CA LYS B 144 -10.26 11.26 13.66
C LYS B 144 -8.90 11.96 13.86
N GLU B 145 -7.86 11.18 14.13
CA GLU B 145 -6.53 11.74 14.30
C GLU B 145 -6.03 12.44 13.02
N PHE B 146 -6.42 11.89 11.87
CA PHE B 146 -6.04 12.50 10.60
C PHE B 146 -6.49 13.95 10.50
N PHE B 147 -7.77 14.18 10.79
CA PHE B 147 -8.31 15.52 10.72
C PHE B 147 -7.73 16.39 11.81
N ARG B 148 -7.56 15.83 13.01
CA ARG B 148 -6.99 16.58 14.12
C ARG B 148 -5.60 17.14 13.82
N ARG B 149 -4.82 16.41 13.03
CA ARG B 149 -3.41 16.75 12.81
C ARG B 149 -3.16 17.49 11.50
N SER B 150 -4.14 17.47 10.61
CA SER B 150 -3.92 17.94 9.25
C SER B 150 -3.63 19.43 9.17
N LYS B 151 -2.63 19.78 8.38
CA LYS B 151 -2.30 21.17 8.08
C LYS B 151 -2.84 21.57 6.72
N ILE B 152 -3.46 20.63 6.01
CA ILE B 152 -4.08 20.92 4.72
C ILE B 152 -5.34 21.75 4.95
N ALA B 153 -5.47 22.85 4.20
CA ALA B 153 -6.52 23.85 4.43
C ALA B 153 -7.92 23.27 4.60
N VAL B 154 -8.35 22.47 3.62
CA VAL B 154 -9.71 21.92 3.63
C VAL B 154 -9.93 21.01 4.85
N PHE B 155 -8.98 20.14 5.12
CA PHE B 155 -9.11 19.20 6.23
C PHE B 155 -9.01 19.91 7.59
N ASP B 156 -8.15 20.93 7.65
CA ASP B 156 -8.05 21.80 8.83
C ASP B 156 -9.42 22.43 9.12
N LYS B 157 -10.10 22.86 8.06
CA LYS B 157 -11.39 23.55 8.17
C LYS B 157 -12.46 22.58 8.65
N MET B 158 -12.44 21.37 8.10
CA MET B 158 -13.37 20.33 8.51
C MET B 158 -13.17 19.98 9.99
N TRP B 159 -11.92 19.84 10.43
CA TRP B 159 -11.66 19.53 11.83
C TRP B 159 -12.20 20.60 12.79
N THR B 160 -11.93 21.86 12.47
CA THR B 160 -12.43 22.99 13.26
C THR B 160 -13.95 22.91 13.43
N TYR B 161 -14.66 22.57 12.35
CA TYR B 161 -16.11 22.38 12.44
C TYR B 161 -16.45 21.17 13.30
N MET B 162 -15.90 20.01 12.96
CA MET B 162 -16.30 18.76 13.61
C MET B 162 -16.05 18.77 15.12
N ARG B 163 -14.91 19.31 15.53
CA ARG B 163 -14.51 19.27 16.93
C ARG B 163 -15.47 20.04 17.84
N SER B 164 -16.17 21.02 17.28
CA SER B 164 -17.09 21.85 18.08
C SER B 164 -18.57 21.65 17.73
N ALA B 165 -18.84 20.76 16.78
CA ALA B 165 -20.21 20.53 16.33
C ALA B 165 -21.08 19.98 17.46
N GLU B 166 -22.31 20.50 17.56
CA GLU B 166 -23.27 20.00 18.55
C GLU B 166 -24.64 19.80 17.89
N PRO B 167 -25.27 18.64 18.10
CA PRO B 167 -24.78 17.51 18.90
C PRO B 167 -23.54 16.88 18.27
N SER B 168 -22.84 16.05 19.02
CA SER B 168 -21.59 15.44 18.56
C SER B 168 -21.77 14.77 17.20
N VAL B 169 -20.81 14.96 16.30
CA VAL B 169 -20.85 14.30 15.00
C VAL B 169 -20.01 13.03 15.01
N PHE B 170 -19.38 12.73 16.14
CA PHE B 170 -18.58 11.53 16.28
C PHE B 170 -19.41 10.35 16.77
N VAL B 171 -19.13 9.16 16.21
CA VAL B 171 -19.87 7.94 16.55
C VAL B 171 -18.93 6.91 17.20
N ARG B 172 -19.51 5.97 17.95
CA ARG B 172 -18.73 4.96 18.67
C ARG B 172 -18.32 3.78 17.80
N THR B 173 -19.12 3.50 16.77
CA THR B 173 -18.84 2.37 15.89
C THR B 173 -19.21 2.76 14.47
N THR B 174 -18.54 2.13 13.51
CA THR B 174 -18.84 2.36 12.10
C THR B 174 -20.33 2.14 11.80
N ALA B 175 -20.90 1.09 12.39
CA ALA B 175 -22.30 0.78 12.21
C ALA B 175 -23.20 1.98 12.55
N GLU B 176 -22.87 2.66 13.63
CA GLU B 176 -23.64 3.82 14.05
C GLU B 176 -23.47 5.03 13.10
N GLY B 177 -22.26 5.19 12.56
CA GLY B 177 -22.05 6.23 11.55
C GLY B 177 -22.89 5.98 10.32
N VAL B 178 -22.88 4.74 9.85
CA VAL B 178 -23.69 4.32 8.71
C VAL B 178 -25.19 4.53 8.98
N ALA B 179 -25.67 4.05 10.12
CA ALA B 179 -27.08 4.21 10.46
C ALA B 179 -27.44 5.70 10.46
N ARG B 180 -26.53 6.53 10.97
CA ARG B 180 -26.77 7.96 11.05
C ARG B 180 -26.91 8.58 9.65
N VAL B 181 -26.08 8.16 8.70
CA VAL B 181 -26.24 8.63 7.32
C VAL B 181 -27.62 8.22 6.79
N ARG B 182 -27.97 6.96 6.99
CA ARG B 182 -29.21 6.41 6.44
C ARG B 182 -30.47 7.06 6.98
N LYS B 183 -30.44 7.43 8.26
CA LYS B 183 -31.62 7.95 8.94
C LYS B 183 -31.70 9.47 8.95
N SER B 184 -30.67 10.15 8.43
CA SER B 184 -30.62 11.61 8.56
C SER B 184 -31.12 12.40 7.34
N LYS B 185 -31.76 11.73 6.39
CA LYS B 185 -32.40 12.40 5.26
C LYS B 185 -31.42 13.22 4.42
N GLY B 186 -30.15 12.82 4.43
CA GLY B 186 -29.15 13.54 3.67
C GLY B 186 -28.48 14.67 4.43
N LYS B 187 -28.82 14.80 5.72
CA LYS B 187 -28.26 15.88 6.54
C LYS B 187 -27.02 15.46 7.35
N TYR B 188 -26.57 14.22 7.15
CA TYR B 188 -25.32 13.77 7.76
C TYR B 188 -24.49 12.98 6.76
N ALA B 189 -23.21 13.31 6.66
CA ALA B 189 -22.28 12.53 5.84
C ALA B 189 -21.24 11.93 6.78
N TYR B 190 -20.67 10.79 6.40
CA TYR B 190 -19.77 10.08 7.31
C TYR B 190 -18.40 9.87 6.67
N LEU B 191 -17.36 10.16 7.43
CA LEU B 191 -16.00 9.98 6.95
C LEU B 191 -15.46 8.67 7.48
N LEU B 192 -15.12 7.76 6.57
CA LEU B 192 -14.68 6.43 6.96
C LEU B 192 -13.77 5.85 5.88
N GLU B 193 -13.08 4.77 6.21
CA GLU B 193 -12.10 4.24 5.28
C GLU B 193 -12.78 3.59 4.07
N SER B 194 -12.13 3.69 2.92
CA SER B 194 -12.77 3.33 1.63
C SER B 194 -13.21 1.87 1.59
N THR B 195 -12.47 1.01 2.27
CA THR B 195 -12.78 -0.42 2.33
C THR B 195 -14.16 -0.68 2.93
N MET B 196 -14.42 -0.02 4.05
CA MET B 196 -15.70 -0.22 4.72
C MET B 196 -16.82 0.46 3.94
N ASN B 197 -16.54 1.65 3.40
CA ASN B 197 -17.50 2.40 2.58
C ASN B 197 -17.95 1.54 1.40
N GLU B 198 -16.98 0.93 0.72
CA GLU B 198 -17.30 0.13 -0.47
C GLU B 198 -18.09 -1.14 -0.13
N TYR B 199 -17.79 -1.78 1.00
CA TYR B 199 -18.58 -2.91 1.47
C TYR B 199 -20.05 -2.53 1.66
N ILE B 200 -20.28 -1.41 2.35
CA ILE B 200 -21.64 -0.98 2.67
C ILE B 200 -22.42 -0.57 1.43
N GLU B 201 -21.71 0.02 0.47
CA GLU B 201 -22.36 0.52 -0.73
C GLU B 201 -23.02 -0.59 -1.54
N GLN B 202 -22.50 -1.82 -1.41
CA GLN B 202 -23.04 -2.97 -2.13
C GLN B 202 -24.12 -3.73 -1.35
N ARG B 203 -24.37 -3.32 -0.11
CA ARG B 203 -25.36 -4.00 0.75
C ARG B 203 -26.72 -3.27 0.74
N LYS B 204 -27.80 -4.04 0.90
CA LYS B 204 -29.11 -3.44 1.10
C LYS B 204 -29.11 -2.62 2.38
N PRO B 205 -29.93 -1.55 2.44
CA PRO B 205 -30.91 -1.10 1.44
C PRO B 205 -30.36 -0.27 0.27
N CYS B 206 -29.07 -0.37 -0.03
CA CYS B 206 -28.50 0.27 -1.23
C CYS B 206 -28.79 1.78 -1.29
N ASP B 207 -28.68 2.45 -0.16
CA ASP B 207 -29.05 3.86 -0.11
C ASP B 207 -27.88 4.79 0.20
N THR B 208 -26.67 4.23 0.22
CA THR B 208 -25.48 5.05 0.49
C THR B 208 -24.52 4.97 -0.67
N MET B 209 -23.61 5.93 -0.73
CA MET B 209 -22.68 6.03 -1.85
C MET B 209 -21.38 6.67 -1.39
N LYS B 210 -20.27 6.19 -1.96
CA LYS B 210 -18.97 6.82 -1.78
C LYS B 210 -18.83 7.91 -2.83
N VAL B 211 -18.39 9.10 -2.42
CA VAL B 211 -18.16 10.17 -3.38
C VAL B 211 -16.75 10.73 -3.29
N GLY B 212 -16.27 11.28 -4.40
CA GLY B 212 -14.95 11.89 -4.45
C GLY B 212 -13.84 10.86 -4.38
N GLY B 213 -12.61 11.33 -4.46
CA GLY B 213 -11.47 10.45 -4.34
C GLY B 213 -11.15 10.26 -2.87
N ASN B 214 -10.28 9.31 -2.56
CA ASN B 214 -9.83 9.15 -1.21
C ASN B 214 -9.01 10.36 -0.78
N LEU B 215 -9.09 10.71 0.50
CA LEU B 215 -8.44 11.91 1.02
C LEU B 215 -6.98 11.63 1.34
N ASP B 216 -6.67 10.36 1.59
CA ASP B 216 -5.28 9.96 1.78
C ASP B 216 -5.09 8.53 1.30
N SER B 217 -3.88 8.00 1.51
CA SER B 217 -3.57 6.67 1.06
C SER B 217 -2.75 5.96 2.13
N LYS B 218 -3.27 4.88 2.69
CA LYS B 218 -2.50 4.17 3.71
C LYS B 218 -2.79 2.67 3.72
N GLY B 219 -2.43 2.00 4.81
CA GLY B 219 -2.47 0.55 4.85
C GLY B 219 -2.86 0.00 6.20
N TYR B 220 -3.46 -1.19 6.21
CA TYR B 220 -3.70 -1.94 7.46
C TYR B 220 -2.57 -2.90 7.66
N GLY B 221 -2.16 -3.09 8.91
CA GLY B 221 -1.10 -4.03 9.19
C GLY B 221 -1.42 -4.90 10.38
N ILE B 222 -0.79 -6.08 10.44
CA ILE B 222 -0.89 -6.94 11.60
CA ILE B 222 -0.92 -6.92 11.61
C ILE B 222 0.03 -6.40 12.68
N ALA B 223 -0.49 -6.23 13.90
CA ALA B 223 0.30 -5.62 14.97
C ALA B 223 0.66 -6.58 16.09
N THR B 224 1.85 -6.41 16.65
CA THR B 224 2.32 -7.19 17.77
C THR B 224 2.93 -6.24 18.79
N PRO B 225 3.08 -6.68 20.06
CA PRO B 225 3.77 -5.80 21.01
C PRO B 225 5.18 -5.55 20.52
N LYS B 226 5.75 -4.40 20.89
CA LYS B 226 7.07 -4.03 20.41
C LYS B 226 8.12 -5.07 20.80
N GLY B 227 8.89 -5.51 19.81
CA GLY B 227 9.90 -6.54 20.05
C GLY B 227 9.38 -7.95 20.23
N SER B 228 8.09 -8.17 19.97
CA SER B 228 7.55 -9.53 20.05
C SER B 228 8.24 -10.49 19.09
N SER B 229 8.50 -11.72 19.56
CA SER B 229 9.16 -12.72 18.74
C SER B 229 8.30 -13.17 17.55
N LEU B 230 7.00 -12.94 17.63
CA LEU B 230 6.08 -13.28 16.54
C LEU B 230 6.22 -12.39 15.32
N GLY B 231 6.78 -11.20 15.51
CA GLY B 231 6.77 -10.17 14.47
C GLY B 231 7.33 -10.58 13.13
N ASN B 232 8.53 -11.16 13.13
CA ASN B 232 9.22 -11.48 11.87
C ASN B 232 8.48 -12.50 11.03
N ALA B 233 8.02 -13.58 11.68
CA ALA B 233 7.31 -14.64 10.98
C ALA B 233 5.96 -14.16 10.43
N VAL B 234 5.25 -13.37 11.21
CA VAL B 234 3.95 -12.84 10.78
C VAL B 234 4.14 -11.94 9.55
N ASN B 235 5.18 -11.12 9.57
CA ASN B 235 5.45 -10.23 8.45
C ASN B 235 5.76 -10.98 7.16
N LEU B 236 6.61 -12.00 7.26
CA LEU B 236 6.89 -12.85 6.10
C LEU B 236 5.64 -13.60 5.63
N ALA B 237 4.75 -13.98 6.55
CA ALA B 237 3.53 -14.66 6.16
C ALA B 237 2.62 -13.73 5.36
N VAL B 238 2.53 -12.46 5.75
CA VAL B 238 1.72 -11.50 5.00
C VAL B 238 2.24 -11.34 3.58
N LEU B 239 3.56 -11.20 3.44
CA LEU B 239 4.17 -11.06 2.12
C LEU B 239 3.95 -12.32 1.26
N LYS B 240 4.07 -13.49 1.87
CA LYS B 240 3.83 -14.73 1.15
C LYS B 240 2.37 -14.82 0.68
N LEU B 241 1.42 -14.54 1.58
CA LEU B 241 0.00 -14.57 1.21
C LEU B 241 -0.31 -13.55 0.13
N SER B 242 0.33 -12.37 0.22
CA SER B 242 0.19 -11.35 -0.80
C SER B 242 0.63 -11.89 -2.17
N GLU B 243 1.83 -12.45 -2.22
CA GLU B 243 2.41 -12.89 -3.50
C GLU B 243 1.71 -14.12 -4.09
N GLN B 244 1.08 -14.93 -3.24
CA GLN B 244 0.33 -16.09 -3.71
C GLN B 244 -1.06 -15.69 -4.19
N GLY B 245 -1.42 -14.43 -4.02
CA GLY B 245 -2.72 -13.94 -4.47
C GLY B 245 -3.84 -14.22 -3.48
N LEU B 246 -3.49 -14.68 -2.29
CA LEU B 246 -4.52 -15.10 -1.33
C LEU B 246 -5.23 -13.91 -0.67
N LEU B 247 -4.53 -12.80 -0.52
CA LEU B 247 -5.18 -11.60 0.01
C LEU B 247 -6.21 -11.06 -0.99
N ASP B 248 -5.90 -11.14 -2.28
CA ASP B 248 -6.84 -10.74 -3.32
C ASP B 248 -8.07 -11.64 -3.28
N LYS B 249 -7.83 -12.95 -3.09
CA LYS B 249 -8.93 -13.91 -2.98
C LYS B 249 -9.87 -13.60 -1.81
N LEU B 250 -9.29 -13.28 -0.66
CA LEU B 250 -10.08 -12.98 0.53
C LEU B 250 -10.87 -11.70 0.33
N LYS B 251 -10.28 -10.72 -0.35
CA LYS B 251 -10.99 -9.47 -0.60
C LYS B 251 -12.20 -9.75 -1.50
N ASN B 252 -12.01 -10.54 -2.57
CA ASN B 252 -13.10 -10.83 -3.49
C ASN B 252 -14.21 -11.62 -2.82
N LYS B 253 -13.83 -12.45 -1.87
CA LYS B 253 -14.75 -13.32 -1.14
C LYS B 253 -15.68 -12.50 -0.25
N TRP B 254 -15.11 -11.59 0.53
CA TRP B 254 -15.90 -10.88 1.55
C TRP B 254 -16.47 -9.55 1.05
N TRP B 255 -15.99 -9.10 -0.10
CA TRP B 255 -16.61 -7.96 -0.80
C TRP B 255 -17.36 -8.49 -2.02
N TYR B 256 -17.70 -9.79 -1.99
CA TYR B 256 -18.43 -10.42 -3.10
C TYR B 256 -19.80 -9.76 -3.31
N ASP B 257 -20.10 -9.45 -4.57
CA ASP B 257 -21.36 -8.79 -4.92
C ASP B 257 -22.41 -9.81 -5.38
N LYS B 258 -23.40 -10.06 -4.52
CA LYS B 258 -24.50 -10.98 -4.87
C LYS B 258 -25.60 -10.26 -5.65
N GLY B 259 -25.43 -8.96 -5.82
CA GLY B 259 -26.40 -8.15 -6.53
C GLY B 259 -27.61 -7.78 -5.68
N GLU B 260 -27.37 -7.40 -4.44
CA GLU B 260 -28.41 -6.86 -3.58
C GLU B 260 -28.84 -5.50 -4.15
N CYS B 261 -27.90 -4.85 -4.82
CA CYS B 261 -28.13 -3.53 -5.41
C CYS B 261 -27.97 -3.58 -6.93
N GLY B 262 -29.10 -3.44 -7.64
CA GLY B 262 -29.10 -3.46 -9.10
C GLY B 262 -28.93 -4.85 -9.71
N SER B 263 -28.26 -4.90 -10.87
CA SER B 263 -28.07 -6.16 -11.60
C SER B 263 -27.11 -7.11 -10.91
N GLU C . 10.24 -2.12 -8.86
CA GLU C . 10.75 -3.35 -9.46
C GLU C . 11.75 -4.04 -8.56
O GLU C . 12.34 -5.07 -8.91
CB GLU C . 11.40 -3.03 -10.81
CG GLU C . 10.41 -2.79 -11.93
CD GLU C . 9.81 -4.09 -12.47
OE1 GLU C . 8.84 -4.00 -13.26
OE2 GLU C . 10.30 -5.19 -12.12
OXT GLU C . 11.99 -3.59 -7.43
S SO4 D . 16.10 -12.63 -14.01
O1 SO4 D . 15.75 -13.77 -14.86
O2 SO4 D . 16.31 -11.49 -14.88
O3 SO4 D . 17.31 -12.88 -13.24
O4 SO4 D . 15.01 -12.37 -13.09
C1 GOL E . 13.57 -19.33 -17.74
O1 GOL E . 13.93 -20.30 -18.65
C2 GOL E . 13.79 -19.62 -16.28
O2 GOL E . 13.88 -18.48 -15.49
C3 GOL E . 12.92 -20.70 -15.72
O3 GOL E . 11.55 -20.65 -15.91
S SO4 F . 35.18 -7.21 -2.52
O1 SO4 F . 33.85 -7.36 -1.93
O2 SO4 F . 35.13 -6.24 -3.61
O3 SO4 F . 36.10 -6.73 -1.49
O4 SO4 F . 35.64 -8.49 -3.04
CL CL G . 32.31 10.23 5.57
C1 CX5 H . 1.35 0.10 -0.24
C1 CX5 H . -0.64 -0.44 1.49
C2 CX5 H . 0.53 -0.92 0.24
C2 CX5 H . 0.32 0.53 1.15
C3 CX5 H . -0.59 -0.59 1.01
C3 CX5 H . 1.09 0.34 0.00
C4 CX5 H . -0.90 0.75 1.26
C4 CX5 H . 0.88 -0.77 -0.82
C6 CX5 H . -0.09 1.78 0.79
C6 CX5 H . -0.07 -1.74 -0.49
C7 CX5 H . 0.42 4.02 0.54
C7 CX5 H . -1.20 -3.71 -0.92
C8 CX5 H . 1.54 3.69 -0.19
C8 CX5 H . -1.95 -3.53 0.23
C9 CX5 H . 0.89 -2.34 -0.03
C9 CX5 H . 0.55 1.70 2.04
C11 CX5 H . 0.49 -4.65 -0.74
C11 CX5 H . 0.75 4.10 2.51
C13 CX5 H . -2.32 -4.15 -0.29
C13 CX5 H . 1.36 4.40 -0.32
C14 CX5 H . -1.79 -5.59 -0.30
C14 CX5 H . 1.77 5.50 0.66
C5 CX5 H . 1.06 1.44 0.02
C5 CX5 H . -0.85 -1.56 0.69
N1 CX5 H . -0.41 3.07 1.05
N1 CX5 H . -0.25 -2.81 -1.30
N2 CX5 H . 1.88 2.41 -0.46
N2 CX5 H . -1.78 -2.47 1.04
C10 CX5 H . -0.32 -5.64 0.09
C10 CX5 H . 1.95 4.94 2.08
N3 CX5 H . 0.01 -3.29 -0.56
N3 CX5 H . 0.50 3.02 1.56
C12 CX5 H . -1.41 -3.13 -0.97
C12 CX5 H . 0.24 3.50 0.19
O1 CX5 H . 2.06 -2.65 0.27
O1 CX5 H . 0.78 1.44 3.22
N GLU I . -8.84 1.74 10.61
CA GLU I . -9.02 2.72 11.69
C GLU I . -8.02 2.53 12.81
O GLU I . -8.00 3.30 13.78
CB GLU I . -10.46 2.67 12.22
CG GLU I . -11.48 3.27 11.26
CD GLU I . -11.40 4.80 11.16
OE1 GLU I . -12.03 5.38 10.25
OE2 GLU I . -10.71 5.44 12.00
OXT GLU I . -7.17 1.62 12.78
S SO4 J . -20.35 -14.32 23.62
O1 SO4 J . -21.78 -14.58 23.60
O2 SO4 J . -19.87 -14.31 22.24
O3 SO4 J . -20.10 -13.01 24.21
O4 SO4 J . -19.68 -15.34 24.40
S SO4 K . -10.25 10.58 20.21
O1 SO4 K . -10.60 11.97 20.48
O2 SO4 K . -11.48 9.81 19.94
O3 SO4 K . -9.57 10.01 21.37
O4 SO4 K . -9.35 10.54 19.07
C1 GOL L . -7.81 18.84 19.33
O1 GOL L . -7.90 20.07 18.71
C2 GOL L . -8.86 18.55 20.36
O2 GOL L . -10.00 19.29 20.18
C3 GOL L . -9.10 17.09 20.57
O3 GOL L . -10.42 16.68 20.65
C1 GOL M . -10.48 1.14 -3.90
O1 GOL M . -10.43 -0.21 -3.59
C2 GOL M . -9.98 2.09 -2.86
O2 GOL M . -10.76 3.22 -2.72
C3 GOL M . -9.62 1.42 -1.58
O3 GOL M . -10.62 0.86 -0.81
S SO4 N . -28.43 -14.81 14.71
O1 SO4 N . -29.67 -14.75 15.49
O2 SO4 N . -28.71 -15.50 13.45
O3 SO4 N . -27.93 -13.47 14.44
O4 SO4 N . -27.42 -15.55 15.45
CL CL O . 2.13 -22.65 1.28
CL CL P . -11.49 26.34 21.45
#